data_8GSU
#
_entry.id   8GSU
#
_cell.length_a   57.249
_cell.length_b   91.272
_cell.length_c   115.321
_cell.angle_alpha   90.000
_cell.angle_beta   90.000
_cell.angle_gamma   90.000
#
_symmetry.space_group_name_H-M   'P 21 21 21'
#
loop_
_entity.id
_entity.type
_entity.pdbx_description
1 polymer 'Actin, alpha cardiac muscle 1'
2 polymer 'Actin-binding protein fragmin P'
3 non-polymer "ADENOSINE-5'-DIPHOSPHATE"
4 non-polymer 'PHOSPHATE ION'
5 non-polymer 'MAGNESIUM ION'
6 non-polymer 1,2-ETHANEDIOL
7 non-polymer 'CALCIUM ION'
8 water water
#
loop_
_entity_poly.entity_id
_entity_poly.type
_entity_poly.pdbx_seq_one_letter_code
_entity_poly.pdbx_strand_id
1 'polypeptide(L)'
;MGWSHPQFEKGGIEGRDDEETTALVCDNGSGLVKAGFAGDDAPRAVFPSIVGRPRHQGVMVGMGQKDSYVGDEAQSKRGI
LTLKYPIE(HIC)GIITNWDDMEKIWHHTFYNELRVAPEEHPTLLTEAPLNPKANREKMTQIMFETFNVPAMYVAIQAVL
SLYASGRTTGIVLDSGDGVTHNVPIYEGYALPHAIMRLDLAGRDLTDYLMKILTERGYSFVTTAEREIVRDIKEKLCYVA
LDFENEMATAASSSSLEKSYELPDGQVITIGNERFRCPETLFQPSFIGMESAGIHETTYNSIMKCDIDIRKDLYANNVLS
GGTTMYPGIADRMQKEITALAPSTMKIKIIAPPERKYSVWIGGSILASLSTFQQMWISKQEYDEAGPSIVHRKCF
;
A
2 'polypeptide(L)'
;GPMQKQKEYNIADSNIANLGTELEKKVKLEASQHEDAWKGAGKQVGVEIWRIQQFKVVPVPKKHHGSFYTGDSYIVLSTY
HPKTNPDKLAYDVHFWLGAFTTQDEAGTAAYKTVELDDYLGGLPVQYREVQGYESERFLSLFPKGGLRILDGGVETGFHH
VE
;
B
#
loop_
_chem_comp.id
_chem_comp.type
_chem_comp.name
_chem_comp.formula
ADP non-polymer ADENOSINE-5'-DIPHOSPHATE 'C10 H15 N5 O10 P2'
CA non-polymer 'CALCIUM ION' 'Ca 2'
EDO non-polymer 1,2-ETHANEDIOL 'C2 H6 O2'
MG non-polymer 'MAGNESIUM ION' 'Mg 2'
PO4 non-polymer 'PHOSPHATE ION' 'O4 P -3'
#
# COMPACT_ATOMS: atom_id res chain seq x y z
N THR A 21 -6.05 -16.44 18.62
CA THR A 21 -5.94 -16.58 17.17
C THR A 21 -5.28 -15.35 16.55
N THR A 22 -4.13 -15.56 15.91
CA THR A 22 -3.36 -14.48 15.30
C THR A 22 -3.39 -14.63 13.79
N ALA A 23 -3.78 -13.58 13.09
CA ALA A 23 -3.82 -13.63 11.63
C ALA A 23 -2.43 -13.45 11.05
N LEU A 24 -2.19 -14.11 9.92
CA LEU A 24 -0.98 -13.90 9.15
C LEU A 24 -1.24 -12.85 8.10
N VAL A 25 -0.25 -12.00 7.87
CA VAL A 25 -0.32 -11.01 6.81
C VAL A 25 0.81 -11.33 5.83
N CYS A 26 0.45 -11.60 4.58
CA CYS A 26 1.44 -11.93 3.56
CA CYS A 26 1.43 -11.95 3.55
C CYS A 26 1.21 -11.04 2.35
N ASP A 27 2.16 -10.15 2.10
CA ASP A 27 2.14 -9.28 0.93
C ASP A 27 3.05 -9.92 -0.09
N ASN A 28 2.46 -10.65 -1.05
CA ASN A 28 3.24 -11.34 -2.07
C ASN A 28 3.59 -10.36 -3.17
N GLY A 29 4.78 -9.77 -3.05
CA GLY A 29 5.24 -8.89 -4.09
C GLY A 29 5.74 -9.67 -5.28
N SER A 30 5.84 -8.96 -6.41
CA SER A 30 6.48 -9.55 -7.57
C SER A 30 7.92 -9.93 -7.24
N GLY A 31 8.59 -9.14 -6.41
CA GLY A 31 10.00 -9.35 -6.13
C GLY A 31 10.31 -9.95 -4.78
N LEU A 32 9.56 -9.55 -3.75
CA LEU A 32 9.82 -9.90 -2.36
C LEU A 32 8.54 -10.35 -1.67
N VAL A 33 8.65 -11.45 -0.92
CA VAL A 33 7.62 -11.80 0.06
C VAL A 33 7.82 -10.94 1.30
N LYS A 34 6.75 -10.31 1.78
CA LYS A 34 6.72 -9.68 3.11
C LYS A 34 5.68 -10.42 3.92
N ALA A 35 6.09 -11.11 4.98
CA ALA A 35 5.17 -11.94 5.73
C ALA A 35 5.39 -11.77 7.23
N GLY A 36 4.31 -11.94 7.99
CA GLY A 36 4.38 -11.78 9.42
C GLY A 36 3.02 -11.90 10.04
N PHE A 37 2.89 -11.33 11.24
CA PHE A 37 1.71 -11.53 12.06
C PHE A 37 0.98 -10.21 12.26
N ALA A 38 -0.34 -10.24 12.13
CA ALA A 38 -1.13 -9.05 12.39
C ALA A 38 -0.85 -8.56 13.81
N GLY A 39 -0.69 -7.25 13.96
CA GLY A 39 -0.36 -6.65 15.22
C GLY A 39 1.12 -6.35 15.41
N ASP A 40 1.97 -6.95 14.59
CA ASP A 40 3.39 -6.57 14.57
C ASP A 40 3.58 -5.30 13.76
N ASP A 41 4.61 -4.53 14.10
CA ASP A 41 4.82 -3.26 13.40
C ASP A 41 5.67 -3.42 12.12
N ALA A 42 6.09 -4.63 11.79
CA ALA A 42 6.88 -4.88 10.59
C ALA A 42 6.79 -6.36 10.26
N PRO A 43 7.00 -6.73 8.99
CA PRO A 43 6.99 -8.16 8.65
C PRO A 43 8.23 -8.83 9.22
N ARG A 44 8.02 -10.03 9.78
CA ARG A 44 9.12 -10.78 10.36
C ARG A 44 9.91 -11.59 9.34
N ALA A 45 9.35 -11.79 8.13
CA ALA A 45 10.03 -12.53 7.07
C ALA A 45 9.96 -11.72 5.79
N VAL A 46 11.10 -11.33 5.25
CA VAL A 46 11.18 -10.60 3.99
C VAL A 46 12.26 -11.30 3.17
N PHE A 47 11.89 -11.86 2.01
CA PHE A 47 12.87 -12.63 1.27
C PHE A 47 12.45 -12.66 -0.19
N PRO A 48 13.39 -12.93 -1.10
CA PRO A 48 13.07 -12.89 -2.53
C PRO A 48 12.04 -13.92 -2.94
N SER A 49 11.10 -13.48 -3.76
CA SER A 49 10.05 -14.34 -4.31
C SER A 49 10.60 -15.06 -5.56
N ILE A 50 11.51 -15.99 -5.30
CA ILE A 50 12.25 -16.68 -6.35
C ILE A 50 12.34 -18.17 -6.04
N VAL A 51 12.34 -18.97 -7.10
CA VAL A 51 12.68 -20.39 -7.01
C VAL A 51 13.88 -20.61 -7.92
N GLY A 52 14.92 -21.25 -7.38
CA GLY A 52 16.14 -21.53 -8.14
C GLY A 52 16.28 -23.02 -8.38
N ARG A 53 16.73 -23.37 -9.57
CA ARG A 53 17.01 -24.75 -9.95
CA ARG A 53 17.01 -24.75 -9.96
C ARG A 53 18.38 -24.81 -10.59
N PRO A 54 19.01 -25.99 -10.63
CA PRO A 54 20.36 -26.09 -11.21
C PRO A 54 20.43 -25.46 -12.59
N ARG A 55 21.42 -24.59 -12.76
CA ARG A 55 21.67 -23.95 -14.04
C ARG A 55 22.13 -24.98 -15.08
N HIS A 56 22.88 -25.99 -14.65
CA HIS A 56 23.20 -27.14 -15.49
C HIS A 56 22.03 -28.10 -15.46
N GLN A 57 21.40 -28.32 -16.62
CA GLN A 57 20.33 -29.31 -16.74
C GLN A 57 20.93 -30.68 -17.07
CA LYS A 66 17.82 -30.95 -4.14
C LYS A 66 17.29 -30.45 -5.48
N ASP A 67 15.99 -30.68 -5.71
CA ASP A 67 15.39 -30.28 -6.99
C ASP A 67 15.38 -28.76 -7.15
N SER A 68 15.16 -28.03 -6.06
CA SER A 68 15.01 -26.58 -6.15
C SER A 68 15.29 -25.94 -4.79
N TYR A 69 15.50 -24.63 -4.80
CA TYR A 69 15.71 -23.82 -3.61
C TYR A 69 14.81 -22.59 -3.69
N VAL A 70 14.47 -22.04 -2.52
CA VAL A 70 13.53 -20.92 -2.45
C VAL A 70 14.16 -19.75 -1.70
N GLY A 71 13.87 -18.53 -2.17
CA GLY A 71 14.08 -17.35 -1.32
C GLY A 71 15.54 -17.03 -1.04
N ASP A 72 15.84 -16.80 0.23
CA ASP A 72 17.20 -16.41 0.62
C ASP A 72 18.22 -17.45 0.21
N GLU A 73 17.86 -18.73 0.31
CA GLU A 73 18.85 -19.77 0.05
C GLU A 73 19.12 -19.90 -1.44
N ALA A 74 18.09 -19.74 -2.27
CA ALA A 74 18.32 -19.69 -3.71
C ALA A 74 19.22 -18.52 -4.08
N GLN A 75 18.97 -17.35 -3.48
CA GLN A 75 19.85 -16.20 -3.67
C GLN A 75 21.29 -16.51 -3.27
N SER A 76 21.46 -17.25 -2.18
CA SER A 76 22.81 -17.51 -1.67
C SER A 76 23.57 -18.46 -2.59
N LYS A 77 22.88 -19.45 -3.14
N LYS A 77 22.87 -19.42 -3.17
CA LYS A 77 23.47 -20.45 -4.02
CA LYS A 77 23.42 -20.46 -4.02
C LYS A 77 23.27 -20.12 -5.50
C LYS A 77 23.30 -20.11 -5.51
N ARG A 78 22.95 -18.87 -5.82
CA ARG A 78 22.64 -18.50 -7.20
C ARG A 78 23.81 -18.72 -8.14
N GLY A 79 25.03 -18.90 -7.59
CA GLY A 79 26.18 -19.18 -8.42
C GLY A 79 26.01 -20.40 -9.31
N ILE A 80 25.22 -21.38 -8.86
CA ILE A 80 24.97 -22.60 -9.62
C ILE A 80 23.50 -22.75 -10.01
N LEU A 81 22.68 -21.74 -9.76
CA LEU A 81 21.25 -21.83 -10.04
C LEU A 81 20.81 -20.85 -11.12
N THR A 82 19.73 -21.22 -11.80
CA THR A 82 18.95 -20.30 -12.61
C THR A 82 17.72 -19.89 -11.79
N LEU A 83 17.51 -18.60 -11.65
CA LEU A 83 16.47 -18.05 -10.79
C LEU A 83 15.23 -17.67 -11.59
N LYS A 84 14.06 -18.05 -11.09
CA LYS A 84 12.80 -17.69 -11.73
C LYS A 84 11.86 -17.09 -10.70
N TYR A 85 11.18 -16.04 -11.12
CA TYR A 85 10.16 -15.36 -10.31
C TYR A 85 8.79 -15.91 -10.67
N PRO A 86 8.05 -16.52 -9.73
CA PRO A 86 6.70 -17.00 -10.07
C PRO A 86 5.71 -15.90 -10.32
N ILE A 87 5.98 -14.67 -9.87
CA ILE A 87 5.10 -13.54 -10.10
C ILE A 87 5.78 -12.60 -11.09
N GLU A 88 5.04 -12.23 -12.13
CA GLU A 88 5.49 -11.26 -13.11
C GLU A 88 4.42 -10.19 -13.24
N HIC A 89 4.82 -8.94 -13.06
CA HIC A 89 3.93 -7.81 -13.16
C HIC A 89 2.66 -8.04 -12.35
O HIC A 89 1.52 -7.80 -12.74
CB HIC A 89 3.51 -7.49 -14.62
CG HIC A 89 4.65 -6.99 -15.42
ND1 HIC A 89 5.46 -5.91 -15.08
CD2 HIC A 89 5.12 -7.53 -16.65
CE1 HIC A 89 6.39 -5.77 -16.04
NE2 HIC A 89 6.22 -6.74 -17.03
CZ HIC A 89 7.02 -6.91 -18.20
N GLY A 90 2.89 -8.54 -11.13
CA GLY A 90 1.83 -8.66 -10.16
C GLY A 90 0.92 -9.87 -10.29
N ILE A 91 1.16 -10.67 -11.32
CA ILE A 91 0.31 -11.80 -11.66
C ILE A 91 1.10 -13.08 -11.48
N ILE A 92 0.50 -14.09 -10.85
CA ILE A 92 1.17 -15.36 -10.68
C ILE A 92 1.16 -16.08 -12.02
N THR A 93 2.34 -16.33 -12.58
CA THR A 93 2.46 -17.02 -13.87
C THR A 93 3.04 -18.42 -13.76
N ASN A 94 3.46 -18.83 -12.57
CA ASN A 94 3.92 -20.20 -12.34
C ASN A 94 3.32 -20.64 -11.00
N TRP A 95 2.18 -21.35 -11.08
CA TRP A 95 1.46 -21.71 -9.86
C TRP A 95 2.17 -22.79 -9.07
N ASP A 96 2.84 -23.74 -9.73
CA ASP A 96 3.59 -24.74 -8.98
C ASP A 96 4.69 -24.09 -8.16
N ASP A 97 5.43 -23.15 -8.76
CA ASP A 97 6.47 -22.45 -8.00
C ASP A 97 5.89 -21.51 -6.95
N MET A 98 4.74 -20.88 -7.24
CA MET A 98 4.13 -20.02 -6.21
C MET A 98 3.72 -20.84 -5.00
N GLU A 99 3.21 -22.05 -5.23
CA GLU A 99 2.92 -22.94 -4.10
C GLU A 99 4.17 -23.22 -3.27
N LYS A 100 5.33 -23.38 -3.94
CA LYS A 100 6.58 -23.53 -3.19
C LYS A 100 6.87 -22.30 -2.35
N ILE A 101 6.63 -21.11 -2.89
CA ILE A 101 6.88 -19.86 -2.16
CA ILE A 101 6.90 -19.89 -2.14
C ILE A 101 6.01 -19.82 -0.91
N TRP A 102 4.72 -20.09 -1.07
CA TRP A 102 3.82 -20.06 0.08
C TRP A 102 4.19 -21.13 1.10
N HIS A 103 4.48 -22.35 0.63
CA HIS A 103 4.89 -23.40 1.56
C HIS A 103 6.13 -22.97 2.34
N HIS A 104 7.12 -22.42 1.64
CA HIS A 104 8.33 -21.95 2.29
C HIS A 104 8.02 -20.85 3.32
N THR A 105 7.13 -19.92 2.96
CA THR A 105 6.77 -18.84 3.86
C THR A 105 6.20 -19.38 5.17
N PHE A 106 5.26 -20.32 5.07
CA PHE A 106 4.59 -20.83 6.26
C PHE A 106 5.52 -21.71 7.08
N TYR A 107 6.10 -22.73 6.44
CA TYR A 107 6.76 -23.80 7.18
C TYR A 107 8.23 -23.52 7.48
N ASN A 108 8.94 -22.85 6.58
CA ASN A 108 10.38 -22.65 6.77
C ASN A 108 10.73 -21.28 7.34
N GLU A 109 10.03 -20.22 6.95
CA GLU A 109 10.33 -18.88 7.48
C GLU A 109 9.56 -18.64 8.77
N LEU A 110 8.23 -18.43 8.66
CA LEU A 110 7.46 -18.13 9.86
C LEU A 110 7.33 -19.31 10.80
N ARG A 111 7.50 -20.54 10.30
CA ARG A 111 7.40 -21.77 11.09
C ARG A 111 6.06 -21.85 11.82
N VAL A 112 4.98 -21.70 11.06
CA VAL A 112 3.62 -21.82 11.57
C VAL A 112 2.88 -22.89 10.77
N ALA A 113 1.80 -23.37 11.35
CA ALA A 113 0.91 -24.29 10.64
C ALA A 113 -0.22 -23.46 10.04
N PRO A 114 -0.33 -23.36 8.71
CA PRO A 114 -1.30 -22.42 8.14
C PRO A 114 -2.74 -22.73 8.50
N GLU A 115 -3.06 -23.99 8.80
CA GLU A 115 -4.43 -24.29 9.18
C GLU A 115 -4.84 -23.66 10.49
N GLU A 116 -3.91 -23.04 11.22
CA GLU A 116 -4.19 -22.40 12.49
C GLU A 116 -4.32 -20.88 12.37
N HIS A 117 -4.15 -20.31 11.19
CA HIS A 117 -4.05 -18.86 11.04
C HIS A 117 -4.91 -18.30 9.91
N PRO A 118 -5.91 -17.48 10.23
CA PRO A 118 -6.54 -16.66 9.17
C PRO A 118 -5.44 -15.89 8.45
N THR A 119 -5.55 -15.80 7.13
CA THR A 119 -4.46 -15.25 6.34
C THR A 119 -4.93 -14.12 5.44
N LEU A 120 -4.24 -12.98 5.52
CA LEU A 120 -4.51 -11.83 4.64
C LEU A 120 -3.46 -11.83 3.54
N LEU A 121 -3.92 -11.84 2.30
CA LEU A 121 -3.08 -11.70 1.10
C LEU A 121 -3.38 -10.36 0.43
N THR A 122 -2.54 -10.02 -0.56
CA THR A 122 -2.64 -8.71 -1.22
C THR A 122 -2.54 -8.89 -2.74
N GLU A 123 -2.96 -7.84 -3.45
CA GLU A 123 -2.96 -7.87 -4.90
C GLU A 123 -2.92 -6.45 -5.44
N ALA A 124 -2.26 -6.29 -6.59
CA ALA A 124 -2.36 -5.04 -7.34
C ALA A 124 -3.73 -4.97 -8.01
N PRO A 125 -4.28 -3.77 -8.17
CA PRO A 125 -5.57 -3.63 -8.86
C PRO A 125 -5.41 -3.85 -10.36
N LEU A 126 -6.53 -4.20 -10.98
CA LEU A 126 -6.66 -4.50 -12.41
C LEU A 126 -5.95 -5.80 -12.79
N ASN A 127 -5.70 -6.68 -11.82
CA ASN A 127 -5.31 -8.05 -12.12
C ASN A 127 -6.50 -8.80 -12.71
N PRO A 128 -6.24 -9.78 -13.60
CA PRO A 128 -7.33 -10.67 -14.02
C PRO A 128 -7.97 -11.37 -12.83
N LYS A 129 -9.30 -11.52 -12.88
CA LYS A 129 -10.07 -12.11 -11.79
CA LYS A 129 -9.97 -12.06 -11.71
C LYS A 129 -9.58 -13.50 -11.40
N ALA A 130 -9.08 -14.27 -12.37
CA ALA A 130 -8.67 -15.64 -12.06
C ALA A 130 -7.49 -15.69 -11.10
N ASN A 131 -6.70 -14.63 -11.00
CA ASN A 131 -5.54 -14.68 -10.11
C ASN A 131 -5.98 -14.86 -8.66
N ARG A 132 -6.95 -14.05 -8.20
CA ARG A 132 -7.39 -14.23 -6.82
C ARG A 132 -8.32 -15.43 -6.66
N GLU A 133 -8.96 -15.91 -7.73
CA GLU A 133 -9.71 -17.16 -7.63
C GLU A 133 -8.78 -18.32 -7.29
N LYS A 134 -7.64 -18.41 -7.97
CA LYS A 134 -6.71 -19.51 -7.70
C LYS A 134 -5.97 -19.30 -6.38
N MET A 135 -5.67 -18.05 -6.01
N MET A 135 -5.68 -18.04 -6.03
CA MET A 135 -5.14 -17.80 -4.67
CA MET A 135 -5.18 -17.70 -4.71
C MET A 135 -6.08 -18.36 -3.62
C MET A 135 -6.07 -18.28 -3.62
N THR A 136 -7.37 -18.10 -3.78
CA THR A 136 -8.35 -18.57 -2.79
C THR A 136 -8.41 -20.09 -2.77
N GLN A 137 -8.45 -20.71 -3.94
CA GLN A 137 -8.49 -22.17 -4.02
C GLN A 137 -7.28 -22.80 -3.34
N ILE A 138 -6.08 -22.30 -3.63
CA ILE A 138 -4.90 -22.94 -3.06
CA ILE A 138 -4.87 -22.91 -3.06
C ILE A 138 -4.81 -22.71 -1.55
N MET A 139 -5.18 -21.52 -1.08
CA MET A 139 -5.11 -21.28 0.35
C MET A 139 -6.03 -22.23 1.11
N PHE A 140 -7.24 -22.46 0.59
CA PHE A 140 -8.18 -23.34 1.30
C PHE A 140 -7.93 -24.82 1.01
N GLU A 141 -7.70 -25.19 -0.26
CA GLU A 141 -7.62 -26.61 -0.59
C GLU A 141 -6.23 -27.19 -0.30
N THR A 142 -5.17 -26.41 -0.48
CA THR A 142 -3.82 -26.91 -0.22
C THR A 142 -3.34 -26.59 1.19
N PHE A 143 -3.48 -25.34 1.62
CA PHE A 143 -2.95 -24.96 2.93
C PHE A 143 -3.99 -25.03 4.05
N ASN A 144 -5.28 -25.20 3.70
CA ASN A 144 -6.34 -25.42 4.70
CA ASN A 144 -6.35 -25.40 4.69
C ASN A 144 -6.42 -24.26 5.70
N VAL A 145 -6.28 -23.03 5.21
CA VAL A 145 -6.40 -21.89 6.12
C VAL A 145 -7.82 -21.83 6.64
N PRO A 146 -8.04 -21.33 7.86
CA PRO A 146 -9.41 -21.26 8.39
C PRO A 146 -10.22 -20.11 7.81
N ALA A 147 -9.55 -19.07 7.32
CA ALA A 147 -10.20 -17.89 6.80
C ALA A 147 -9.15 -17.13 6.02
N MET A 148 -9.60 -16.32 5.06
N MET A 148 -9.61 -16.29 5.09
CA MET A 148 -8.66 -15.51 4.31
CA MET A 148 -8.68 -15.58 4.21
C MET A 148 -9.37 -14.33 3.66
C MET A 148 -9.37 -14.37 3.59
N TYR A 149 -8.55 -13.39 3.21
CA TYR A 149 -9.01 -12.19 2.53
C TYR A 149 -7.92 -11.77 1.57
N VAL A 150 -8.30 -11.17 0.45
CA VAL A 150 -7.34 -10.60 -0.51
C VAL A 150 -7.62 -9.12 -0.60
N ALA A 151 -6.64 -8.29 -0.23
CA ALA A 151 -6.79 -6.84 -0.18
C ALA A 151 -6.05 -6.16 -1.33
N ILE A 152 -6.59 -5.02 -1.77
CA ILE A 152 -5.91 -4.18 -2.76
C ILE A 152 -4.77 -3.43 -2.09
N GLN A 153 -3.58 -3.51 -2.68
CA GLN A 153 -2.37 -3.05 -2.01
C GLN A 153 -2.43 -1.57 -1.67
N ALA A 154 -2.79 -0.71 -2.63
CA ALA A 154 -2.77 0.73 -2.40
C ALA A 154 -3.72 1.14 -1.29
N VAL A 155 -4.84 0.42 -1.12
CA VAL A 155 -5.76 0.76 -0.04
C VAL A 155 -5.09 0.55 1.31
N LEU A 156 -4.36 -0.57 1.46
CA LEU A 156 -3.63 -0.80 2.70
C LEU A 156 -2.62 0.31 2.98
N SER A 157 -1.91 0.78 1.95
CA SER A 157 -0.93 1.83 2.17
CA SER A 157 -0.94 1.84 2.15
C SER A 157 -1.60 3.13 2.61
N LEU A 158 -2.77 3.46 2.05
CA LEU A 158 -3.43 4.70 2.47
C LEU A 158 -3.74 4.66 3.96
N TYR A 159 -4.30 3.53 4.43
CA TYR A 159 -4.60 3.43 5.85
C TYR A 159 -3.33 3.44 6.69
N ALA A 160 -2.23 2.87 6.18
CA ALA A 160 -0.97 2.93 6.93
C ALA A 160 -0.51 4.36 7.11
N SER A 161 -0.89 5.27 6.20
CA SER A 161 -0.54 6.68 6.31
C SER A 161 -1.53 7.46 7.17
N GLY A 162 -2.54 6.80 7.72
CA GLY A 162 -3.53 7.49 8.55
C GLY A 162 -4.48 8.38 7.78
N ARG A 163 -4.87 7.98 6.57
CA ARG A 163 -5.77 8.77 5.73
C ARG A 163 -6.94 7.92 5.27
N THR A 164 -8.05 8.59 4.96
CA THR A 164 -9.15 7.96 4.22
C THR A 164 -9.31 8.55 2.83
N THR A 165 -8.65 9.67 2.54
CA THR A 165 -8.71 10.33 1.24
C THR A 165 -7.30 10.65 0.77
N GLY A 166 -7.01 10.30 -0.47
CA GLY A 166 -5.73 10.58 -1.05
C GLY A 166 -5.56 9.71 -2.28
N ILE A 167 -4.42 9.89 -2.95
CA ILE A 167 -4.14 9.08 -4.13
C ILE A 167 -2.78 8.41 -3.92
N VAL A 168 -2.79 7.08 -3.96
CA VAL A 168 -1.58 6.30 -3.69
C VAL A 168 -0.92 5.97 -5.02
N LEU A 169 0.40 6.20 -5.08
CA LEU A 169 1.24 5.70 -6.17
CA LEU A 169 1.23 5.69 -6.17
C LEU A 169 2.04 4.55 -5.58
N ASP A 170 1.71 3.32 -5.96
CA ASP A 170 2.41 2.15 -5.46
C ASP A 170 3.27 1.56 -6.57
N SER A 171 4.57 1.40 -6.31
CA SER A 171 5.45 0.81 -7.32
C SER A 171 6.38 -0.19 -6.67
N GLY A 172 6.26 -1.46 -7.07
CA GLY A 172 7.09 -2.52 -6.55
C GLY A 172 8.05 -3.04 -7.59
N ASP A 173 8.26 -4.35 -7.65
CA ASP A 173 9.09 -4.95 -8.67
C ASP A 173 8.34 -5.24 -9.96
N GLY A 174 7.00 -5.21 -9.92
CA GLY A 174 6.21 -5.65 -11.06
C GLY A 174 5.24 -4.65 -11.64
N VAL A 175 4.59 -3.87 -10.78
CA VAL A 175 3.48 -3.01 -11.18
C VAL A 175 3.66 -1.64 -10.57
N THR A 176 3.30 -0.61 -11.33
CA THR A 176 3.07 0.72 -10.79
C THR A 176 1.58 1.00 -10.90
N HIS A 177 0.93 1.24 -9.77
CA HIS A 177 -0.50 1.55 -9.82
C HIS A 177 -0.83 2.82 -9.05
N ASN A 178 -1.85 3.51 -9.57
CA ASN A 178 -2.37 4.74 -8.98
CA ASN A 178 -2.38 4.74 -8.98
C ASN A 178 -3.81 4.48 -8.55
N VAL A 179 -4.08 4.70 -7.27
CA VAL A 179 -5.44 4.47 -6.77
C VAL A 179 -5.91 5.69 -6.00
N PRO A 180 -6.83 6.48 -6.55
CA PRO A 180 -7.44 7.55 -5.76
C PRO A 180 -8.56 6.97 -4.91
N ILE A 181 -8.61 7.44 -3.67
CA ILE A 181 -9.50 6.93 -2.64
C ILE A 181 -10.17 8.13 -1.98
N TYR A 182 -11.48 8.07 -1.81
CA TYR A 182 -12.24 9.16 -1.21
C TYR A 182 -13.11 8.60 -0.10
N GLU A 183 -12.90 9.10 1.12
CA GLU A 183 -13.68 8.66 2.28
C GLU A 183 -13.68 7.13 2.41
N GLY A 184 -12.52 6.53 2.12
CA GLY A 184 -12.33 5.11 2.34
C GLY A 184 -12.71 4.20 1.20
N TYR A 185 -13.16 4.76 0.07
CA TYR A 185 -13.58 3.95 -1.07
C TYR A 185 -12.73 4.30 -2.28
N ALA A 186 -12.10 3.28 -2.86
CA ALA A 186 -11.33 3.48 -4.08
C ALA A 186 -12.27 3.78 -5.23
N LEU A 187 -11.81 4.64 -6.15
CA LEU A 187 -12.63 5.09 -7.25
C LEU A 187 -12.23 4.29 -8.49
N PRO A 188 -12.93 3.20 -8.82
CA PRO A 188 -12.38 2.25 -9.79
C PRO A 188 -12.19 2.83 -11.17
N HIS A 189 -13.05 3.77 -11.58
CA HIS A 189 -12.94 4.35 -12.92
C HIS A 189 -11.67 5.19 -13.08
N ALA A 190 -11.06 5.63 -11.98
CA ALA A 190 -9.86 6.46 -12.01
C ALA A 190 -8.59 5.69 -11.68
N ILE A 191 -8.69 4.39 -11.38
CA ILE A 191 -7.50 3.60 -11.09
C ILE A 191 -6.67 3.43 -12.36
N MET A 192 -5.36 3.60 -12.23
CA MET A 192 -4.43 3.48 -13.33
C MET A 192 -3.39 2.40 -13.02
N ARG A 193 -2.91 1.76 -14.08
CA ARG A 193 -1.90 0.72 -13.88
C ARG A 193 -0.93 0.74 -15.05
N LEU A 194 0.35 0.57 -14.70
CA LEU A 194 1.43 0.45 -15.66
CA LEU A 194 1.42 0.44 -15.67
C LEU A 194 2.22 -0.81 -15.32
N ASP A 195 2.37 -1.71 -16.27
CA ASP A 195 3.20 -2.90 -16.06
C ASP A 195 4.67 -2.53 -16.35
N LEU A 196 5.14 -1.55 -15.58
CA LEU A 196 6.51 -1.07 -15.63
C LEU A 196 6.89 -0.75 -14.20
N ALA A 197 7.90 -1.45 -13.67
CA ALA A 197 8.28 -1.20 -12.28
C ALA A 197 9.71 -1.70 -12.07
N GLY A 198 10.02 -2.15 -10.85
CA GLY A 198 11.42 -2.35 -10.50
C GLY A 198 12.17 -3.31 -11.41
N ARG A 199 11.53 -4.41 -11.81
CA ARG A 199 12.25 -5.42 -12.58
C ARG A 199 12.59 -4.88 -13.96
N ASP A 200 11.69 -4.08 -14.53
CA ASP A 200 11.97 -3.46 -15.82
C ASP A 200 13.12 -2.48 -15.71
N LEU A 201 13.20 -1.78 -14.58
CA LEU A 201 14.30 -0.85 -14.36
C LEU A 201 15.61 -1.59 -14.16
N THR A 202 15.58 -2.72 -13.44
CA THR A 202 16.78 -3.55 -13.34
C THR A 202 17.22 -4.03 -14.72
N ASP A 203 16.28 -4.54 -15.52
CA ASP A 203 16.64 -5.01 -16.86
C ASP A 203 17.23 -3.87 -17.69
N TYR A 204 16.70 -2.67 -17.55
CA TYR A 204 17.21 -1.55 -18.33
C TYR A 204 18.62 -1.18 -17.88
N LEU A 205 18.88 -1.22 -16.58
CA LEU A 205 20.23 -0.95 -16.09
C LEU A 205 21.21 -1.99 -16.62
N MET A 206 20.81 -3.27 -16.62
CA MET A 206 21.65 -4.31 -17.24
C MET A 206 22.01 -3.95 -18.67
N LYS A 207 21.03 -3.47 -19.42
CA LYS A 207 21.24 -3.14 -20.82
C LYS A 207 22.20 -1.98 -20.98
N ILE A 208 21.95 -0.87 -20.28
CA ILE A 208 22.78 0.30 -20.55
C ILE A 208 24.17 0.16 -19.96
N LEU A 209 24.35 -0.71 -18.95
N LEU A 209 24.35 -0.70 -18.96
CA LEU A 209 25.70 -0.95 -18.45
CA LEU A 209 25.70 -0.95 -18.46
C LEU A 209 26.58 -1.61 -19.50
C LEU A 209 26.59 -1.62 -19.50
N THR A 210 26.00 -2.21 -20.55
CA THR A 210 26.82 -2.75 -21.64
C THR A 210 27.53 -1.64 -22.42
N GLU A 211 27.00 -0.41 -22.41
CA GLU A 211 27.68 0.69 -23.08
C GLU A 211 29.05 0.96 -22.49
N ARG A 212 29.23 0.67 -21.20
CA ARG A 212 30.52 0.79 -20.53
C ARG A 212 31.41 -0.43 -20.72
N GLY A 213 30.95 -1.42 -21.48
CA GLY A 213 31.70 -2.64 -21.64
C GLY A 213 31.44 -3.68 -20.57
N TYR A 214 30.46 -3.48 -19.70
CA TYR A 214 30.09 -4.49 -18.73
C TYR A 214 29.06 -5.42 -19.34
N SER A 215 29.10 -6.69 -18.93
CA SER A 215 28.17 -7.67 -19.48
C SER A 215 27.45 -8.35 -18.31
N PHE A 216 26.23 -7.90 -18.03
CA PHE A 216 25.36 -8.54 -17.05
C PHE A 216 24.20 -9.15 -17.81
N VAL A 217 24.09 -10.48 -17.78
CA VAL A 217 23.19 -11.20 -18.69
C VAL A 217 22.30 -12.21 -17.95
N THR A 218 22.92 -13.03 -17.11
CA THR A 218 22.25 -14.18 -16.52
C THR A 218 21.31 -13.77 -15.40
N THR A 219 20.48 -14.74 -14.96
CA THR A 219 19.54 -14.44 -13.88
C THR A 219 20.28 -14.12 -12.59
N ALA A 220 21.44 -14.75 -12.36
CA ALA A 220 22.23 -14.37 -11.19
C ALA A 220 22.79 -12.96 -11.32
N GLU A 221 23.26 -12.62 -12.52
CA GLU A 221 23.77 -11.27 -12.77
C GLU A 221 22.67 -10.22 -12.66
N ARG A 222 21.44 -10.58 -12.98
CA ARG A 222 20.32 -9.65 -12.79
CA ARG A 222 20.34 -9.63 -12.79
C ARG A 222 20.21 -9.23 -11.32
N GLU A 223 20.46 -10.16 -10.40
CA GLU A 223 20.36 -9.83 -8.99
C GLU A 223 21.48 -8.89 -8.58
N ILE A 224 22.67 -9.05 -9.16
CA ILE A 224 23.76 -8.11 -8.87
C ILE A 224 23.39 -6.71 -9.33
N VAL A 225 22.86 -6.60 -10.55
CA VAL A 225 22.47 -5.28 -11.06
C VAL A 225 21.31 -4.70 -10.25
N ARG A 226 20.38 -5.54 -9.79
CA ARG A 226 19.33 -5.04 -8.91
C ARG A 226 19.92 -4.37 -7.68
N ASP A 227 20.97 -4.96 -7.10
CA ASP A 227 21.64 -4.36 -5.95
C ASP A 227 22.32 -3.05 -6.31
N ILE A 228 23.04 -3.02 -7.43
CA ILE A 228 23.64 -1.76 -7.90
C ILE A 228 22.57 -0.69 -8.00
N LYS A 229 21.43 -1.03 -8.60
CA LYS A 229 20.33 -0.08 -8.79
C LYS A 229 19.85 0.46 -7.45
N GLU A 230 19.62 -0.44 -6.48
CA GLU A 230 19.10 0.00 -5.19
C GLU A 230 20.11 0.85 -4.42
N LYS A 231 21.40 0.58 -4.59
CA LYS A 231 22.39 1.29 -3.80
CA LYS A 231 22.43 1.27 -3.82
C LYS A 231 22.83 2.62 -4.42
N LEU A 232 22.80 2.74 -5.76
CA LEU A 232 23.44 3.88 -6.40
C LEU A 232 22.55 4.72 -7.31
N CYS A 233 21.35 4.27 -7.66
CA CYS A 233 20.54 5.06 -8.58
C CYS A 233 19.82 6.20 -7.86
N TYR A 234 19.40 7.20 -8.64
CA TYR A 234 18.63 8.32 -8.11
C TYR A 234 17.88 8.96 -9.26
N VAL A 235 16.85 9.74 -8.93
CA VAL A 235 16.08 10.48 -9.93
C VAL A 235 16.62 11.91 -10.01
N ALA A 236 17.06 12.29 -11.20
CA ALA A 236 17.54 13.66 -11.41
C ALA A 236 16.36 14.62 -11.37
N LEU A 237 16.58 15.80 -10.78
CA LEU A 237 15.53 16.81 -10.77
C LEU A 237 15.31 17.37 -12.16
N ASP A 238 16.39 17.56 -12.92
CA ASP A 238 16.31 17.98 -14.31
C ASP A 238 17.20 17.04 -15.10
N PHE A 239 16.58 16.15 -15.89
CA PHE A 239 17.33 15.08 -16.53
C PHE A 239 18.39 15.61 -17.50
N GLU A 240 18.01 16.54 -18.37
CA GLU A 240 18.96 17.03 -19.36
C GLU A 240 20.13 17.76 -18.69
N ASN A 241 19.85 18.58 -17.65
CA ASN A 241 20.94 19.20 -16.91
CA ASN A 241 20.94 19.21 -16.93
C ASN A 241 21.86 18.17 -16.30
N GLU A 242 21.30 17.08 -15.77
CA GLU A 242 22.12 16.07 -15.11
C GLU A 242 22.99 15.33 -16.13
N MET A 243 22.46 15.07 -17.33
CA MET A 243 23.26 14.46 -18.37
C MET A 243 24.47 15.34 -18.70
N ALA A 244 24.26 16.66 -18.77
CA ALA A 244 25.36 17.57 -19.04
C ALA A 244 26.37 17.55 -17.90
N THR A 245 25.90 17.58 -16.65
CA THR A 245 26.81 17.47 -15.51
C THR A 245 27.65 16.20 -15.59
N ALA A 246 27.04 15.08 -15.99
CA ALA A 246 27.76 13.82 -16.05
C ALA A 246 28.86 13.82 -17.11
N ALA A 247 28.67 14.59 -18.18
CA ALA A 247 29.69 14.70 -19.22
C ALA A 247 30.76 15.73 -18.89
N SER A 248 30.46 16.69 -18.01
CA SER A 248 31.41 17.76 -17.73
CA SER A 248 31.41 17.76 -17.75
C SER A 248 32.54 17.33 -16.81
N SER A 249 32.27 16.42 -15.88
CA SER A 249 33.30 15.89 -15.00
C SER A 249 32.81 14.55 -14.45
N SER A 250 33.63 13.95 -13.59
CA SER A 250 33.30 12.67 -12.96
C SER A 250 32.56 12.83 -11.64
N SER A 251 32.00 14.02 -11.36
CA SER A 251 31.47 14.32 -10.03
C SER A 251 30.30 13.41 -9.64
N LEU A 252 29.58 12.84 -10.61
CA LEU A 252 28.44 11.99 -10.31
C LEU A 252 28.79 10.51 -10.32
N GLU A 253 30.03 10.13 -10.57
CA GLU A 253 30.35 8.72 -10.69
C GLU A 253 30.47 8.05 -9.33
N LYS A 254 30.11 6.77 -9.28
CA LYS A 254 30.21 5.94 -8.09
C LYS A 254 30.84 4.61 -8.46
N SER A 255 31.58 4.03 -7.53
CA SER A 255 32.17 2.72 -7.73
C SER A 255 31.36 1.66 -6.99
N TYR A 256 31.48 0.42 -7.46
CA TYR A 256 30.72 -0.68 -6.90
C TYR A 256 31.55 -1.95 -6.99
N GLU A 257 31.67 -2.66 -5.87
CA GLU A 257 32.47 -3.87 -5.80
C GLU A 257 31.59 -5.08 -6.09
N LEU A 258 31.92 -5.82 -7.15
CA LEU A 258 31.16 -7.00 -7.55
C LEU A 258 31.48 -8.17 -6.61
N PRO A 259 30.66 -9.22 -6.64
CA PRO A 259 30.92 -10.36 -5.74
C PRO A 259 32.26 -11.02 -5.97
N ASP A 260 32.80 -10.99 -7.19
CA ASP A 260 34.11 -11.58 -7.44
C ASP A 260 35.26 -10.64 -7.11
N GLY A 261 34.94 -9.45 -6.58
CA GLY A 261 35.97 -8.47 -6.18
C GLY A 261 36.30 -7.39 -7.20
N GLN A 262 35.87 -7.58 -8.45
CA GLN A 262 36.09 -6.54 -9.49
C GLN A 262 35.35 -5.26 -9.08
N VAL A 263 35.97 -4.11 -9.31
CA VAL A 263 35.31 -2.82 -9.00
C VAL A 263 34.92 -2.15 -10.32
N ILE A 264 33.64 -1.78 -10.42
CA ILE A 264 33.18 -1.09 -11.62
C ILE A 264 32.81 0.33 -11.26
N THR A 265 32.66 1.16 -12.29
CA THR A 265 32.28 2.55 -12.14
C THR A 265 31.01 2.79 -12.94
N ILE A 266 30.07 3.51 -12.36
CA ILE A 266 28.91 3.91 -13.13
C ILE A 266 28.71 5.41 -12.97
N GLY A 267 28.17 6.02 -14.02
CA GLY A 267 27.98 7.46 -14.04
C GLY A 267 26.53 7.78 -14.31
N ASN A 268 26.23 8.27 -15.51
CA ASN A 268 24.87 8.72 -15.77
C ASN A 268 23.85 7.59 -15.76
N GLU A 269 24.29 6.32 -15.74
CA GLU A 269 23.35 5.22 -15.56
C GLU A 269 22.62 5.35 -14.23
N ARG A 270 23.24 6.00 -13.24
CA ARG A 270 22.62 6.17 -11.93
C ARG A 270 21.24 6.79 -12.05
N PHE A 271 21.08 7.79 -12.92
CA PHE A 271 19.80 8.45 -13.05
C PHE A 271 19.07 8.16 -14.36
N ARG A 272 19.77 7.67 -15.39
CA ARG A 272 19.09 7.23 -16.60
C ARG A 272 18.16 6.06 -16.33
N CYS A 273 18.55 5.18 -15.40
CA CYS A 273 17.74 3.99 -15.14
C CYS A 273 16.36 4.36 -14.60
N PRO A 274 16.24 5.08 -13.47
CA PRO A 274 14.89 5.46 -13.00
C PRO A 274 14.24 6.58 -13.82
N GLU A 275 14.98 7.26 -14.71
CA GLU A 275 14.32 8.22 -15.60
C GLU A 275 13.24 7.53 -16.42
N THR A 276 13.40 6.22 -16.65
CA THR A 276 12.41 5.43 -17.36
C THR A 276 11.02 5.54 -16.75
N LEU A 277 10.91 5.73 -15.43
CA LEU A 277 9.59 5.90 -14.83
C LEU A 277 8.88 7.13 -15.37
N PHE A 278 9.63 8.18 -15.70
CA PHE A 278 9.06 9.39 -16.25
C PHE A 278 9.04 9.39 -17.77
N GLN A 279 9.93 8.62 -18.39
CA GLN A 279 10.01 8.47 -19.84
C GLN A 279 10.00 6.99 -20.21
N PRO A 280 8.83 6.35 -20.23
CA PRO A 280 8.80 4.92 -20.52
C PRO A 280 9.32 4.55 -21.90
N SER A 281 9.47 5.54 -22.80
CA SER A 281 10.08 5.23 -24.09
C SER A 281 11.54 4.82 -23.97
N PHE A 282 12.18 5.04 -22.81
CA PHE A 282 13.53 4.52 -22.63
C PHE A 282 13.58 3.01 -22.81
N ILE A 283 12.49 2.29 -22.53
CA ILE A 283 12.42 0.86 -22.80
C ILE A 283 11.38 0.55 -23.89
N GLY A 284 11.06 1.53 -24.73
CA GLY A 284 10.20 1.27 -25.87
C GLY A 284 8.73 1.21 -25.57
N MET A 285 8.29 1.67 -24.41
CA MET A 285 6.87 1.77 -24.11
C MET A 285 6.36 3.15 -24.47
N GLU A 286 5.16 3.22 -25.07
CA GLU A 286 4.57 4.50 -25.41
C GLU A 286 3.79 5.13 -24.26
N SER A 287 3.82 4.50 -23.11
CA SER A 287 2.98 4.88 -21.97
C SER A 287 3.35 6.26 -21.42
N ALA A 288 2.36 6.89 -20.78
CA ALA A 288 2.62 8.06 -19.95
C ALA A 288 3.56 7.71 -18.79
N GLY A 289 4.39 8.68 -18.39
CA GLY A 289 5.24 8.51 -17.22
C GLY A 289 4.44 8.62 -15.94
N ILE A 290 5.08 8.28 -14.82
CA ILE A 290 4.34 8.16 -13.55
C ILE A 290 3.77 9.50 -13.10
N HIS A 291 4.41 10.62 -13.47
CA HIS A 291 3.83 11.92 -13.16
C HIS A 291 2.54 12.13 -13.96
N GLU A 292 2.55 11.78 -15.24
CA GLU A 292 1.38 12.01 -16.07
CA GLU A 292 1.39 11.99 -16.09
C GLU A 292 0.25 11.06 -15.71
N THR A 293 0.57 9.81 -15.37
CA THR A 293 -0.47 8.87 -14.95
CA THR A 293 -0.45 8.86 -14.94
C THR A 293 -1.12 9.31 -13.65
N THR A 294 -0.32 9.84 -12.71
CA THR A 294 -0.89 10.38 -11.47
C THR A 294 -1.85 11.52 -11.77
N TYR A 295 -1.40 12.46 -12.59
CA TYR A 295 -2.25 13.56 -13.01
C TYR A 295 -3.51 13.07 -13.70
N ASN A 296 -3.36 12.10 -14.62
CA ASN A 296 -4.52 11.59 -15.36
C ASN A 296 -5.53 10.94 -14.42
N SER A 297 -5.03 10.25 -13.39
CA SER A 297 -5.91 9.60 -12.42
C SER A 297 -6.70 10.65 -11.63
N ILE A 298 -6.03 11.68 -11.13
CA ILE A 298 -6.72 12.76 -10.44
C ILE A 298 -7.78 13.38 -11.34
N MET A 299 -7.46 13.59 -12.62
CA MET A 299 -8.40 14.21 -13.55
CA MET A 299 -8.40 14.23 -13.53
C MET A 299 -9.59 13.33 -13.87
N LYS A 300 -9.52 12.03 -13.60
CA LYS A 300 -10.68 11.18 -13.77
C LYS A 300 -11.61 11.23 -12.57
N CYS A 301 -11.23 11.89 -11.49
CA CYS A 301 -12.08 12.02 -10.32
C CYS A 301 -12.93 13.28 -10.39
N ASP A 302 -14.04 13.27 -9.67
CA ASP A 302 -14.90 14.45 -9.59
C ASP A 302 -14.11 15.67 -9.18
N ILE A 303 -14.40 16.80 -9.85
CA ILE A 303 -13.56 17.98 -9.70
C ILE A 303 -13.47 18.45 -8.25
N ASP A 304 -14.55 18.29 -7.48
CA ASP A 304 -14.57 18.84 -6.13
C ASP A 304 -13.65 18.09 -5.16
N ILE A 305 -13.15 16.91 -5.52
CA ILE A 305 -12.22 16.23 -4.63
C ILE A 305 -10.79 16.32 -5.11
N ARG A 306 -10.54 16.98 -6.24
CA ARG A 306 -9.19 16.96 -6.79
C ARG A 306 -8.18 17.67 -5.90
N LYS A 307 -8.56 18.79 -5.28
CA LYS A 307 -7.63 19.48 -4.40
CA LYS A 307 -7.64 19.49 -4.38
C LYS A 307 -7.16 18.56 -3.27
N ASP A 308 -8.07 17.76 -2.72
CA ASP A 308 -7.68 16.85 -1.65
C ASP A 308 -6.74 15.77 -2.16
N LEU A 309 -6.94 15.30 -3.39
CA LEU A 309 -6.03 14.31 -3.94
C LEU A 309 -4.64 14.90 -4.21
N TYR A 310 -4.59 16.10 -4.81
CA TYR A 310 -3.30 16.73 -5.08
C TYR A 310 -2.51 16.97 -3.80
N ALA A 311 -3.19 17.27 -2.69
CA ALA A 311 -2.50 17.52 -1.43
C ALA A 311 -2.20 16.24 -0.66
N ASN A 312 -2.51 15.06 -1.21
CA ASN A 312 -2.35 13.80 -0.50
C ASN A 312 -1.91 12.69 -1.45
N ASN A 313 -0.82 12.93 -2.21
CA ASN A 313 -0.18 11.89 -3.00
C ASN A 313 0.72 11.07 -2.07
N VAL A 314 0.42 9.78 -1.91
CA VAL A 314 1.17 8.92 -0.99
C VAL A 314 1.97 7.92 -1.82
N LEU A 315 3.30 7.94 -1.66
CA LEU A 315 4.16 6.98 -2.32
C LEU A 315 4.28 5.69 -1.51
N SER A 316 4.20 4.55 -2.17
N SER A 316 4.30 4.56 -2.22
CA SER A 316 4.48 3.31 -1.47
CA SER A 316 4.32 3.24 -1.60
C SER A 316 5.17 2.34 -2.43
C SER A 316 5.13 2.29 -2.47
N GLY A 317 5.98 1.46 -1.84
CA GLY A 317 6.67 0.42 -2.55
C GLY A 317 8.14 0.75 -2.81
N GLY A 318 8.92 -0.28 -3.08
CA GLY A 318 10.37 -0.13 -3.18
C GLY A 318 10.83 0.72 -4.35
N THR A 319 10.08 0.70 -5.46
CA THR A 319 10.51 1.52 -6.60
C THR A 319 10.22 3.01 -6.40
N THR A 320 9.51 3.38 -5.31
CA THR A 320 9.43 4.79 -4.93
C THR A 320 10.55 5.21 -3.98
N MET A 321 11.57 4.37 -3.78
CA MET A 321 12.65 4.69 -2.84
C MET A 321 13.84 5.43 -3.46
N TYR A 322 13.86 5.67 -4.78
CA TYR A 322 14.99 6.39 -5.36
C TYR A 322 15.15 7.76 -4.72
N PRO A 323 16.35 8.13 -4.26
CA PRO A 323 16.56 9.52 -3.83
C PRO A 323 16.12 10.47 -4.94
N GLY A 324 15.42 11.54 -4.55
CA GLY A 324 14.98 12.55 -5.49
C GLY A 324 13.64 12.31 -6.16
N ILE A 325 13.01 11.16 -5.95
CA ILE A 325 11.78 10.89 -6.70
C ILE A 325 10.64 11.80 -6.24
N ALA A 326 10.53 12.06 -4.92
CA ALA A 326 9.45 12.93 -4.44
C ALA A 326 9.61 14.33 -5.01
N ASP A 327 10.83 14.87 -4.99
CA ASP A 327 11.08 16.21 -5.53
C ASP A 327 10.76 16.28 -7.02
N ARG A 328 11.11 15.23 -7.77
CA ARG A 328 10.79 15.20 -9.18
C ARG A 328 9.28 15.10 -9.41
N MET A 329 8.60 14.27 -8.63
CA MET A 329 7.14 14.17 -8.75
C MET A 329 6.49 15.52 -8.43
N GLN A 330 6.96 16.18 -7.38
CA GLN A 330 6.45 17.50 -7.03
C GLN A 330 6.59 18.45 -8.21
N LYS A 331 7.78 18.48 -8.83
CA LYS A 331 8.03 19.38 -9.95
C LYS A 331 7.16 19.03 -11.15
N GLU A 332 7.05 17.75 -11.49
CA GLU A 332 6.33 17.39 -12.70
C GLU A 332 4.82 17.56 -12.54
N ILE A 333 4.27 17.20 -11.38
CA ILE A 333 2.84 17.39 -11.18
CA ILE A 333 2.84 17.40 -11.15
C ILE A 333 2.52 18.89 -11.13
N THR A 334 3.41 19.69 -10.55
CA THR A 334 3.20 21.13 -10.55
C THR A 334 3.10 21.67 -11.98
N ALA A 335 3.90 21.12 -12.91
CA ALA A 335 3.86 21.62 -14.27
C ALA A 335 2.57 21.24 -14.97
N LEU A 336 1.94 20.12 -14.58
CA LEU A 336 0.72 19.65 -15.22
C LEU A 336 -0.54 20.26 -14.61
N ALA A 337 -0.51 20.57 -13.32
CA ALA A 337 -1.68 20.98 -12.57
C ALA A 337 -1.96 22.47 -12.75
N PRO A 338 -3.18 22.91 -12.42
CA PRO A 338 -3.46 24.35 -12.40
C PRO A 338 -2.42 25.11 -11.57
N SER A 339 -2.13 26.34 -11.99
CA SER A 339 -0.96 27.02 -11.46
C SER A 339 -1.07 27.33 -9.97
N THR A 340 -2.28 27.39 -9.40
CA THR A 340 -2.43 27.66 -7.99
C THR A 340 -2.61 26.40 -7.15
N MET A 341 -2.52 25.22 -7.75
CA MET A 341 -2.86 24.01 -7.02
C MET A 341 -1.83 23.70 -5.95
N LYS A 342 -2.31 23.44 -4.73
CA LYS A 342 -1.45 22.99 -3.64
C LYS A 342 -1.18 21.51 -3.80
N ILE A 343 0.09 21.15 -3.94
CA ILE A 343 0.51 19.79 -4.24
C ILE A 343 1.44 19.31 -3.15
N LYS A 344 1.21 18.09 -2.68
CA LYS A 344 2.04 17.51 -1.64
CA LYS A 344 2.02 17.51 -1.61
C LYS A 344 2.29 16.05 -1.95
N ILE A 345 3.56 15.65 -1.89
CA ILE A 345 3.96 14.25 -2.06
C ILE A 345 4.36 13.74 -0.67
N ILE A 346 3.67 12.71 -0.19
CA ILE A 346 3.97 12.10 1.10
C ILE A 346 4.79 10.84 0.82
N ALA A 347 5.98 10.77 1.43
CA ALA A 347 6.94 9.69 1.18
C ALA A 347 7.35 9.10 2.51
N PRO A 348 6.54 8.20 3.06
CA PRO A 348 6.85 7.61 4.37
C PRO A 348 8.18 6.89 4.35
N PRO A 349 9.03 7.09 5.35
CA PRO A 349 10.35 6.42 5.33
C PRO A 349 10.24 4.90 5.27
N GLU A 350 9.15 4.34 5.81
CA GLU A 350 8.95 2.90 5.88
C GLU A 350 8.17 2.36 4.67
N ARG A 351 8.14 3.10 3.56
CA ARG A 351 7.18 2.74 2.50
C ARG A 351 7.52 1.47 1.73
N LYS A 352 8.72 0.88 1.92
CA LYS A 352 8.92 -0.48 1.42
C LYS A 352 7.98 -1.47 2.09
N TYR A 353 7.38 -1.10 3.24
CA TYR A 353 6.55 -2.01 4.02
C TYR A 353 5.16 -1.45 4.29
N SER A 354 4.77 -0.34 3.65
CA SER A 354 3.49 0.31 3.97
C SER A 354 2.31 -0.59 3.69
N VAL A 355 2.31 -1.34 2.57
CA VAL A 355 1.22 -2.27 2.31
C VAL A 355 1.10 -3.29 3.43
N TRP A 356 2.22 -3.91 3.79
CA TRP A 356 2.21 -4.90 4.85
C TRP A 356 1.70 -4.29 6.17
N ILE A 357 2.18 -3.10 6.51
CA ILE A 357 1.80 -2.46 7.77
C ILE A 357 0.31 -2.15 7.78
N GLY A 358 -0.22 -1.60 6.68
CA GLY A 358 -1.66 -1.40 6.61
C GLY A 358 -2.44 -2.68 6.80
N GLY A 359 -1.93 -3.79 6.24
CA GLY A 359 -2.56 -5.07 6.44
C GLY A 359 -2.49 -5.53 7.89
N SER A 360 -1.34 -5.32 8.55
CA SER A 360 -1.22 -5.67 9.95
C SER A 360 -2.23 -4.92 10.80
N ILE A 361 -2.44 -3.63 10.49
CA ILE A 361 -3.43 -2.83 11.23
C ILE A 361 -4.85 -3.35 10.98
N LEU A 362 -5.24 -3.47 9.71
CA LEU A 362 -6.62 -3.86 9.43
C LEU A 362 -6.90 -5.28 9.93
N ALA A 363 -5.96 -6.19 9.76
CA ALA A 363 -6.14 -7.57 10.23
C ALA A 363 -6.18 -7.68 11.75
N SER A 364 -5.85 -6.61 12.47
CA SER A 364 -6.00 -6.56 13.92
C SER A 364 -7.40 -6.12 14.35
N LEU A 365 -8.29 -5.83 13.41
CA LEU A 365 -9.62 -5.30 13.73
C LEU A 365 -10.66 -6.39 13.50
N SER A 366 -11.45 -6.69 14.54
CA SER A 366 -12.43 -7.76 14.44
C SER A 366 -13.46 -7.49 13.35
N THR A 367 -13.84 -6.22 13.13
CA THR A 367 -14.84 -5.95 12.09
C THR A 367 -14.29 -6.24 10.70
N PHE A 368 -13.01 -5.92 10.46
CA PHE A 368 -12.42 -6.25 9.17
C PHE A 368 -12.37 -7.76 8.97
N GLN A 369 -11.97 -8.51 10.02
CA GLN A 369 -11.96 -9.97 9.92
C GLN A 369 -13.34 -10.56 9.71
N GLN A 370 -14.40 -9.84 10.10
CA GLN A 370 -15.77 -10.34 9.90
C GLN A 370 -16.07 -10.55 8.43
N MET A 371 -15.40 -9.80 7.55
CA MET A 371 -15.64 -9.91 6.12
C MET A 371 -14.81 -11.01 5.46
N TRP A 372 -13.95 -11.70 6.22
CA TRP A 372 -13.08 -12.69 5.59
C TRP A 372 -13.88 -13.93 5.20
N ILE A 373 -13.37 -14.64 4.19
CA ILE A 373 -13.95 -15.89 3.71
C ILE A 373 -13.63 -17.00 4.71
N SER A 374 -14.64 -17.68 5.24
CA SER A 374 -14.35 -18.83 6.08
C SER A 374 -14.16 -20.08 5.23
N LYS A 375 -13.50 -21.08 5.82
CA LYS A 375 -13.32 -22.36 5.12
C LYS A 375 -14.67 -22.96 4.73
N GLN A 376 -15.67 -22.85 5.62
CA GLN A 376 -16.98 -23.39 5.28
C GLN A 376 -17.59 -22.65 4.11
N GLU A 377 -17.47 -21.31 4.11
CA GLU A 377 -17.98 -20.55 2.98
C GLU A 377 -17.31 -20.96 1.68
N TYR A 378 -15.99 -21.20 1.72
CA TYR A 378 -15.31 -21.65 0.52
C TYR A 378 -15.81 -23.04 0.11
N ASP A 379 -15.97 -23.94 1.08
CA ASP A 379 -16.46 -25.28 0.76
C ASP A 379 -17.80 -25.22 0.03
N GLU A 380 -18.66 -24.29 0.41
CA GLU A 380 -20.00 -24.24 -0.16
C GLU A 380 -20.08 -23.39 -1.42
N ALA A 381 -19.25 -22.35 -1.56
CA ALA A 381 -19.36 -21.44 -2.69
C ALA A 381 -18.23 -21.57 -3.70
N GLY A 382 -17.07 -22.07 -3.31
CA GLY A 382 -15.95 -22.15 -4.21
C GLY A 382 -15.25 -20.81 -4.43
N PRO A 383 -14.27 -20.79 -5.33
CA PRO A 383 -13.45 -19.57 -5.53
C PRO A 383 -14.24 -18.30 -5.87
N SER A 384 -15.43 -18.41 -6.48
N SER A 384 -15.43 -18.41 -6.47
CA SER A 384 -16.19 -17.22 -6.87
CA SER A 384 -16.14 -17.20 -6.87
C SER A 384 -16.51 -16.33 -5.68
C SER A 384 -16.54 -16.33 -5.68
N ILE A 385 -16.53 -16.90 -4.46
CA ILE A 385 -16.91 -16.11 -3.30
C ILE A 385 -15.93 -14.97 -3.04
N VAL A 386 -14.68 -15.08 -3.52
CA VAL A 386 -13.72 -14.01 -3.23
C VAL A 386 -14.19 -12.69 -3.82
N HIS A 387 -14.89 -12.72 -4.96
CA HIS A 387 -15.34 -11.47 -5.57
C HIS A 387 -16.52 -10.87 -4.82
N ARG A 388 -17.21 -11.66 -4.00
CA ARG A 388 -18.36 -11.16 -3.25
C ARG A 388 -18.01 -10.72 -1.84
N LYS A 389 -16.78 -10.98 -1.41
CA LYS A 389 -16.38 -10.64 -0.06
C LYS A 389 -15.19 -9.69 0.02
N CYS A 390 -14.30 -9.67 -0.98
CA CYS A 390 -13.05 -8.93 -0.89
C CYS A 390 -13.10 -7.73 -1.83
N PHE A 391 -13.02 -6.55 -1.24
CA PHE A 391 -13.12 -5.27 -1.92
C PHE A 391 -12.00 -4.40 -1.35
N TYR B 9 -7.48 -0.86 -18.66
CA TYR B 9 -7.65 -2.30 -18.78
C TYR B 9 -9.11 -2.65 -19.08
N ASN B 10 -9.51 -3.86 -18.72
CA ASN B 10 -10.91 -4.31 -18.84
C ASN B 10 -11.37 -4.55 -17.41
N ILE B 11 -11.96 -3.51 -16.80
CA ILE B 11 -12.35 -3.56 -15.39
C ILE B 11 -13.22 -4.79 -15.10
N ALA B 12 -14.14 -5.11 -16.01
CA ALA B 12 -15.11 -6.17 -15.75
C ALA B 12 -14.47 -7.54 -15.65
N ASP B 13 -13.32 -7.74 -16.30
CA ASP B 13 -12.57 -8.99 -16.20
C ASP B 13 -11.61 -9.00 -15.01
N SER B 14 -11.59 -7.95 -14.21
CA SER B 14 -10.51 -7.71 -13.27
C SER B 14 -10.98 -7.84 -11.83
N ASN B 15 -10.00 -7.75 -10.93
CA ASN B 15 -10.27 -7.83 -9.49
C ASN B 15 -10.83 -6.53 -8.90
N ILE B 16 -11.15 -5.51 -9.71
CA ILE B 16 -11.85 -4.34 -9.20
C ILE B 16 -13.22 -4.20 -9.84
N ALA B 17 -13.69 -5.27 -10.49
CA ALA B 17 -14.97 -5.24 -11.17
C ALA B 17 -16.15 -4.99 -10.22
N ASN B 18 -16.01 -5.34 -8.95
CA ASN B 18 -17.11 -5.12 -8.01
C ASN B 18 -16.89 -3.93 -7.09
N LEU B 19 -15.84 -3.14 -7.32
CA LEU B 19 -15.69 -1.90 -6.56
C LEU B 19 -16.76 -0.91 -6.99
N GLY B 20 -17.24 -0.11 -6.04
CA GLY B 20 -18.23 0.90 -6.35
C GLY B 20 -19.64 0.40 -6.48
N THR B 21 -19.89 -0.86 -6.12
CA THR B 21 -21.19 -1.50 -6.28
C THR B 21 -22.01 -1.44 -4.99
N GLU B 22 -23.31 -1.70 -5.15
CA GLU B 22 -24.18 -1.90 -4.01
C GLU B 22 -23.71 -3.05 -3.14
N LEU B 23 -23.16 -4.10 -3.77
CA LEU B 23 -22.69 -5.26 -3.03
C LEU B 23 -21.55 -4.90 -2.10
N GLU B 24 -20.59 -4.10 -2.59
CA GLU B 24 -19.52 -3.62 -1.71
C GLU B 24 -20.08 -2.90 -0.50
N LYS B 25 -21.01 -1.97 -0.74
CA LYS B 25 -21.57 -1.20 0.37
C LYS B 25 -22.32 -2.10 1.34
N LYS B 26 -23.02 -3.12 0.82
CA LYS B 26 -23.79 -4.02 1.67
C LYS B 26 -22.86 -4.83 2.59
N VAL B 27 -21.78 -5.36 2.02
CA VAL B 27 -20.84 -6.14 2.82
C VAL B 27 -20.22 -5.27 3.92
N LYS B 28 -19.86 -4.04 3.58
CA LYS B 28 -19.22 -3.18 4.57
C LYS B 28 -20.22 -2.66 5.58
N LEU B 29 -21.47 -2.44 5.18
CA LEU B 29 -22.50 -2.12 6.16
C LEU B 29 -22.67 -3.24 7.18
N GLU B 30 -22.70 -4.49 6.72
CA GLU B 30 -22.81 -5.61 7.66
C GLU B 30 -21.63 -5.65 8.62
N ALA B 31 -20.42 -5.42 8.13
CA ALA B 31 -19.26 -5.49 9.01
C ALA B 31 -19.37 -4.45 10.13
N SER B 32 -19.89 -3.26 9.80
CA SER B 32 -19.99 -2.19 10.78
C SER B 32 -20.97 -2.51 11.89
N GLN B 33 -21.83 -3.52 11.70
CA GLN B 33 -22.76 -3.94 12.74
C GLN B 33 -22.07 -4.70 13.87
N HIS B 34 -20.79 -5.02 13.74
CA HIS B 34 -20.09 -5.83 14.73
C HIS B 34 -19.15 -5.01 15.61
N GLU B 35 -19.38 -3.70 15.69
CA GLU B 35 -18.60 -2.78 16.54
C GLU B 35 -19.54 -2.20 17.59
N ASP B 36 -19.33 -2.58 18.86
CA ASP B 36 -20.21 -2.13 19.94
CA ASP B 36 -20.21 -2.14 19.92
C ASP B 36 -20.21 -0.62 20.08
N ALA B 37 -19.11 0.05 19.73
CA ALA B 37 -19.02 1.49 19.96
C ALA B 37 -20.06 2.28 19.16
N TRP B 38 -20.53 1.77 18.03
CA TRP B 38 -21.48 2.54 17.23
C TRP B 38 -22.93 2.37 17.67
N LYS B 39 -23.22 1.41 18.54
CA LYS B 39 -24.61 1.21 18.95
C LYS B 39 -25.09 2.42 19.72
N GLY B 40 -26.19 3.00 19.27
CA GLY B 40 -26.71 4.21 19.86
C GLY B 40 -26.04 5.49 19.42
N ALA B 41 -25.03 5.42 18.56
CA ALA B 41 -24.33 6.63 18.14
C ALA B 41 -25.20 7.44 17.18
N GLY B 42 -25.01 8.76 17.23
CA GLY B 42 -25.63 9.65 16.26
C GLY B 42 -27.13 9.72 16.37
N LYS B 43 -27.68 9.53 17.57
CA LYS B 43 -29.13 9.53 17.79
CA LYS B 43 -29.13 9.53 17.78
C LYS B 43 -29.68 10.90 18.15
N GLN B 44 -28.82 11.84 18.54
CA GLN B 44 -29.29 13.18 18.86
C GLN B 44 -28.17 14.17 18.61
N VAL B 45 -28.55 15.45 18.51
CA VAL B 45 -27.59 16.50 18.28
C VAL B 45 -26.57 16.53 19.40
N GLY B 46 -25.30 16.66 19.03
CA GLY B 46 -24.23 16.71 20.02
C GLY B 46 -22.94 16.14 19.46
N VAL B 47 -21.97 15.98 20.34
CA VAL B 47 -20.65 15.49 19.99
C VAL B 47 -20.36 14.20 20.77
N GLU B 48 -19.95 13.16 20.04
CA GLU B 48 -19.56 11.88 20.64
C GLU B 48 -18.11 11.62 20.27
N ILE B 49 -17.34 11.11 21.23
CA ILE B 49 -15.89 10.97 21.04
C ILE B 49 -15.42 9.61 21.51
N TRP B 50 -14.58 8.97 20.69
CA TRP B 50 -13.92 7.73 21.05
C TRP B 50 -12.42 7.88 20.84
N ARG B 51 -11.65 7.12 21.61
CA ARG B 51 -10.21 7.07 21.46
C ARG B 51 -9.79 5.66 21.08
N ILE B 52 -8.83 5.54 20.16
CA ILE B 52 -8.27 4.24 19.83
C ILE B 52 -7.35 3.80 20.96
N GLN B 53 -7.56 2.60 21.48
CA GLN B 53 -6.73 2.05 22.55
C GLN B 53 -6.41 0.60 22.19
N GLN B 54 -5.15 0.36 21.78
CA GLN B 54 -4.68 -0.97 21.37
C GLN B 54 -5.67 -1.62 20.41
N PHE B 55 -5.97 -0.89 19.34
CA PHE B 55 -6.84 -1.25 18.22
C PHE B 55 -8.33 -1.19 18.54
N LYS B 56 -8.72 -0.91 19.78
CA LYS B 56 -10.11 -0.90 20.18
C LYS B 56 -10.67 0.52 20.15
N VAL B 57 -11.96 0.64 19.85
CA VAL B 57 -12.65 1.93 19.85
C VAL B 57 -13.28 2.12 21.22
N VAL B 58 -12.73 3.04 22.03
CA VAL B 58 -13.10 3.19 23.43
C VAL B 58 -13.78 4.54 23.65
N PRO B 59 -14.98 4.58 24.23
CA PRO B 59 -15.62 5.87 24.48
C PRO B 59 -14.79 6.78 25.37
N VAL B 60 -14.84 8.07 25.07
CA VAL B 60 -14.27 9.11 25.93
C VAL B 60 -15.40 9.69 26.75
N PRO B 61 -15.27 9.77 28.08
CA PRO B 61 -16.33 10.34 28.91
C PRO B 61 -16.63 11.78 28.51
N LYS B 62 -17.92 12.14 28.57
CA LYS B 62 -18.36 13.48 28.19
C LYS B 62 -17.57 14.56 28.91
N LYS B 63 -17.24 14.34 30.20
CA LYS B 63 -16.49 15.34 30.96
C LYS B 63 -15.13 15.64 30.36
N HIS B 64 -14.60 14.76 29.50
CA HIS B 64 -13.30 14.96 28.88
C HIS B 64 -13.39 15.46 27.44
N HIS B 65 -14.59 15.62 26.88
CA HIS B 65 -14.71 15.99 25.48
C HIS B 65 -14.06 17.35 25.23
N GLY B 66 -13.18 17.39 24.23
CA GLY B 66 -12.37 18.55 23.93
C GLY B 66 -10.94 18.47 24.43
N SER B 67 -10.65 17.58 25.37
CA SER B 67 -9.29 17.32 25.81
C SER B 67 -8.77 16.08 25.10
N PHE B 68 -7.62 16.21 24.44
CA PHE B 68 -7.06 15.15 23.59
C PHE B 68 -5.61 14.90 23.95
N TYR B 69 -5.25 13.63 24.16
CA TYR B 69 -3.84 13.27 24.37
C TYR B 69 -3.05 13.37 23.07
N THR B 70 -1.91 14.10 23.14
CA THR B 70 -1.07 14.30 21.96
C THR B 70 -0.50 12.98 21.44
N GLY B 71 -0.42 11.96 22.28
CA GLY B 71 0.06 10.67 21.85
C GLY B 71 -0.96 9.75 21.24
N ASP B 72 -2.22 10.19 21.05
CA ASP B 72 -3.31 9.28 20.72
C ASP B 72 -4.11 9.76 19.51
N SER B 73 -4.99 8.88 19.03
CA SER B 73 -5.89 9.16 17.91
C SER B 73 -7.33 8.97 18.35
N TYR B 74 -8.21 9.79 17.78
CA TYR B 74 -9.61 9.87 18.21
C TYR B 74 -10.54 9.92 17.02
N ILE B 75 -11.79 9.52 17.27
CA ILE B 75 -12.91 9.72 16.34
C ILE B 75 -13.94 10.62 17.01
N VAL B 76 -14.36 11.68 16.33
CA VAL B 76 -15.29 12.67 16.88
C VAL B 76 -16.48 12.75 15.94
N LEU B 77 -17.66 12.33 16.41
CA LEU B 77 -18.88 12.38 15.60
C LEU B 77 -19.69 13.59 16.04
N SER B 78 -19.90 14.53 15.12
CA SER B 78 -20.71 15.72 15.37
C SER B 78 -22.05 15.56 14.65
N THR B 79 -23.12 15.43 15.44
CA THR B 79 -24.48 15.25 14.93
C THR B 79 -25.22 16.57 15.02
N TYR B 80 -25.89 16.95 13.95
CA TYR B 80 -26.50 18.28 13.91
C TYR B 80 -27.74 18.22 13.01
N HIS B 81 -28.59 19.24 13.14
CA HIS B 81 -29.74 19.35 12.24
C HIS B 81 -29.33 20.07 10.97
N PRO B 82 -29.54 19.49 9.80
CA PRO B 82 -29.20 20.19 8.56
C PRO B 82 -30.19 21.31 8.28
N LYS B 83 -29.75 22.22 7.40
CA LYS B 83 -30.62 23.33 6.99
C LYS B 83 -31.90 22.83 6.35
N THR B 84 -31.83 21.68 5.68
CA THR B 84 -32.98 21.18 4.93
C THR B 84 -34.11 20.70 5.82
N ASN B 85 -33.84 20.30 7.07
CA ASN B 85 -34.92 19.77 7.90
C ASN B 85 -34.53 19.86 9.36
N PRO B 86 -35.22 20.69 10.14
CA PRO B 86 -34.80 20.90 11.54
C PRO B 86 -35.07 19.72 12.45
N ASP B 87 -35.76 18.69 11.97
CA ASP B 87 -36.10 17.54 12.79
C ASP B 87 -35.28 16.30 12.43
N LYS B 88 -34.39 16.40 11.45
CA LYS B 88 -33.59 15.27 11.01
C LYS B 88 -32.13 15.52 11.38
N LEU B 89 -31.30 14.50 11.17
CA LEU B 89 -29.91 14.51 11.62
C LEU B 89 -28.95 14.36 10.46
N ALA B 90 -27.84 15.09 10.54
CA ALA B 90 -26.73 14.99 9.60
C ALA B 90 -25.45 14.91 10.42
N TYR B 91 -24.34 14.60 9.76
CA TYR B 91 -23.14 14.20 10.50
C TYR B 91 -21.86 14.72 9.87
N ASP B 92 -21.00 15.29 10.70
CA ASP B 92 -19.58 15.42 10.38
C ASP B 92 -18.81 14.44 11.26
N VAL B 93 -17.89 13.68 10.67
CA VAL B 93 -17.05 12.78 11.46
C VAL B 93 -15.60 13.19 11.27
N HIS B 94 -14.96 13.57 12.37
CA HIS B 94 -13.58 14.02 12.38
C HIS B 94 -12.72 12.96 13.03
N PHE B 95 -11.58 12.62 12.44
CA PHE B 95 -10.61 11.80 13.15
C PHE B 95 -9.40 12.66 13.46
N TRP B 96 -9.04 12.71 14.74
CA TRP B 96 -8.02 13.61 15.24
C TRP B 96 -6.78 12.80 15.57
N LEU B 97 -5.65 13.21 15.00
CA LEU B 97 -4.38 12.48 15.07
C LEU B 97 -3.38 13.33 15.86
N GLY B 98 -3.04 12.86 17.06
CA GLY B 98 -2.08 13.61 17.86
C GLY B 98 -0.72 13.66 17.21
N ALA B 99 0.05 14.70 17.57
CA ALA B 99 1.38 14.88 17.01
C ALA B 99 2.29 13.71 17.28
N PHE B 100 2.00 12.92 18.33
CA PHE B 100 2.87 11.82 18.71
C PHE B 100 2.14 10.48 18.67
N THR B 101 0.98 10.41 18.02
CA THR B 101 0.29 9.14 17.91
C THR B 101 1.08 8.17 17.04
N THR B 102 0.91 6.88 17.31
CA THR B 102 1.66 5.89 16.56
C THR B 102 0.85 5.40 15.36
N GLN B 103 1.55 4.73 14.44
CA GLN B 103 0.97 4.38 13.14
C GLN B 103 -0.26 3.48 13.28
N ASP B 104 -0.23 2.55 14.24
CA ASP B 104 -1.39 1.68 14.46
C ASP B 104 -2.61 2.48 14.86
N GLU B 105 -2.41 3.52 15.69
CA GLU B 105 -3.54 4.30 16.19
C GLU B 105 -4.16 5.15 15.09
N ALA B 106 -3.31 5.83 14.33
CA ALA B 106 -3.83 6.67 13.24
C ALA B 106 -4.51 5.82 12.17
N GLY B 107 -3.92 4.68 11.84
CA GLY B 107 -4.53 3.83 10.82
C GLY B 107 -5.86 3.24 11.26
N THR B 108 -5.94 2.84 12.53
CA THR B 108 -7.22 2.36 13.04
C THR B 108 -8.25 3.47 13.09
N ALA B 109 -7.84 4.68 13.49
CA ALA B 109 -8.81 5.77 13.51
C ALA B 109 -9.34 6.05 12.11
N ALA B 110 -8.47 6.00 11.10
CA ALA B 110 -8.91 6.21 9.73
C ALA B 110 -9.88 5.13 9.29
N TYR B 111 -9.50 3.87 9.49
CA TYR B 111 -10.36 2.76 9.06
C TYR B 111 -11.69 2.82 9.77
N LYS B 112 -11.67 3.07 11.09
CA LYS B 112 -12.91 3.06 11.87
C LYS B 112 -13.77 4.28 11.60
N THR B 113 -13.18 5.38 11.11
CA THR B 113 -13.98 6.50 10.64
C THR B 113 -14.80 6.10 9.43
N VAL B 114 -14.17 5.41 8.48
CA VAL B 114 -14.92 4.90 7.33
C VAL B 114 -16.02 3.96 7.80
N GLU B 115 -15.72 3.13 8.81
CA GLU B 115 -16.71 2.18 9.28
C GLU B 115 -17.90 2.86 9.93
N LEU B 116 -17.66 3.92 10.71
CA LEU B 116 -18.77 4.67 11.29
C LEU B 116 -19.59 5.35 10.20
N ASP B 117 -18.91 5.85 9.17
CA ASP B 117 -19.58 6.39 7.98
C ASP B 117 -20.49 5.34 7.37
N ASP B 118 -19.95 4.12 7.14
CA ASP B 118 -20.76 3.01 6.65
C ASP B 118 -21.98 2.78 7.55
N TYR B 119 -21.74 2.72 8.86
CA TYR B 119 -22.81 2.41 9.81
C TYR B 119 -23.95 3.40 9.69
N LEU B 120 -23.61 4.67 9.44
CA LEU B 120 -24.57 5.74 9.27
C LEU B 120 -24.94 5.95 7.81
N GLY B 121 -24.82 4.90 6.99
CA GLY B 121 -25.36 4.94 5.64
C GLY B 121 -24.62 5.83 4.68
N GLY B 122 -23.36 6.17 4.97
CA GLY B 122 -22.61 7.06 4.12
C GLY B 122 -22.84 8.53 4.37
N LEU B 123 -23.80 8.88 5.22
CA LEU B 123 -24.16 10.27 5.42
C LEU B 123 -23.04 11.14 6.01
N PRO B 124 -22.23 10.67 6.96
CA PRO B 124 -21.20 11.56 7.53
C PRO B 124 -20.21 12.05 6.48
N VAL B 125 -19.83 13.32 6.61
CA VAL B 125 -18.72 13.88 5.85
C VAL B 125 -17.47 13.76 6.71
N GLN B 126 -16.39 13.21 6.14
CA GLN B 126 -15.18 12.91 6.88
C GLN B 126 -14.17 14.07 6.85
N TYR B 127 -13.48 14.25 7.99
CA TYR B 127 -12.46 15.27 8.13
C TYR B 127 -11.27 14.68 8.87
N ARG B 128 -10.09 14.75 8.27
CA ARG B 128 -8.85 14.32 8.90
C ARG B 128 -8.23 15.51 9.63
N GLU B 129 -8.07 15.39 10.94
CA GLU B 129 -7.63 16.50 11.78
C GLU B 129 -6.30 16.17 12.48
N VAL B 130 -5.19 16.63 11.91
CA VAL B 130 -3.90 16.45 12.55
C VAL B 130 -3.69 17.57 13.56
N GLN B 131 -3.12 17.22 14.73
CA GLN B 131 -2.82 18.23 15.74
C GLN B 131 -2.04 19.40 15.14
N GLY B 132 -2.53 20.61 15.38
CA GLY B 132 -1.95 21.80 14.79
C GLY B 132 -2.47 22.16 13.41
N TYR B 133 -3.29 21.29 12.81
CA TYR B 133 -3.84 21.49 11.48
C TYR B 133 -5.35 21.37 11.49
N GLU B 134 -5.98 21.53 12.66
CA GLU B 134 -7.41 21.28 12.78
C GLU B 134 -8.22 22.27 11.97
N SER B 135 -9.25 21.76 11.31
CA SER B 135 -10.11 22.56 10.45
C SER B 135 -10.92 23.58 11.25
N GLU B 136 -11.41 24.58 10.53
CA GLU B 136 -12.34 25.54 11.12
C GLU B 136 -13.53 24.82 11.75
N ARG B 137 -14.07 23.80 11.06
CA ARG B 137 -15.18 23.05 11.62
C ARG B 137 -14.79 22.39 12.94
N PHE B 138 -13.59 21.80 13.01
CA PHE B 138 -13.16 21.16 14.25
C PHE B 138 -12.99 22.17 15.37
N LEU B 139 -12.36 23.31 15.07
CA LEU B 139 -12.17 24.34 16.08
C LEU B 139 -13.51 24.84 16.61
N SER B 140 -14.56 24.78 15.79
CA SER B 140 -15.88 25.27 16.19
C SER B 140 -16.63 24.30 17.10
N LEU B 141 -16.13 23.08 17.30
CA LEU B 141 -16.88 22.09 18.07
C LEU B 141 -16.85 22.34 19.56
N PHE B 142 -15.91 23.13 20.06
CA PHE B 142 -15.80 23.09 21.50
C PHE B 142 -15.93 24.48 22.09
N PRO B 143 -16.51 24.61 23.30
CA PRO B 143 -16.72 25.94 23.88
C PRO B 143 -15.39 26.62 24.12
N LYS B 144 -15.47 27.93 24.28
CA LYS B 144 -14.32 28.78 24.50
C LYS B 144 -13.44 28.20 25.60
N GLY B 145 -12.18 27.94 25.25
CA GLY B 145 -11.28 27.22 26.14
C GLY B 145 -11.46 25.72 26.18
N GLY B 146 -12.31 25.17 25.31
CA GLY B 146 -12.64 23.77 25.39
C GLY B 146 -11.65 22.81 24.78
N LEU B 147 -10.90 23.25 23.77
CA LEU B 147 -9.93 22.38 23.09
C LEU B 147 -8.60 22.45 23.82
N ARG B 148 -8.20 21.32 24.44
CA ARG B 148 -6.97 21.25 25.23
C ARG B 148 -6.17 20.02 24.80
N ILE B 149 -4.87 20.18 24.64
CA ILE B 149 -3.99 19.07 24.28
C ILE B 149 -3.24 18.62 25.52
N LEU B 150 -3.30 17.31 25.80
CA LEU B 150 -2.72 16.73 27.00
C LEU B 150 -1.44 15.97 26.67
N ASP B 151 -0.49 16.00 27.60
CA ASP B 151 0.76 15.28 27.42
CA ASP B 151 0.76 15.28 27.42
C ASP B 151 0.54 13.77 27.59
N GLY B 152 1.26 12.99 26.79
CA GLY B 152 1.24 11.54 26.91
C GLY B 152 0.13 10.91 26.08
N GLY B 153 -0.20 9.68 26.44
CA GLY B 153 -1.21 8.91 25.74
C GLY B 153 -1.07 7.45 26.06
N VAL B 154 -2.00 6.66 25.51
CA VAL B 154 -1.97 5.23 25.77
C VAL B 154 -0.95 4.53 24.86
N GLU B 155 -0.49 3.38 25.32
N GLU B 155 -0.48 3.38 25.31
CA GLU B 155 0.53 2.61 24.62
CA GLU B 155 0.56 2.67 24.60
C GLU B 155 0.02 2.09 23.27
C GLU B 155 0.04 2.09 23.28
N THR B 156 0.94 2.07 22.29
CA THR B 156 0.65 1.47 20.99
C THR B 156 0.14 0.04 21.13
N GLY B 157 -0.73 -0.35 20.20
CA GLY B 157 -1.12 -1.75 20.09
C GLY B 157 -0.13 -2.61 19.34
N PHE B 158 0.83 -2.00 18.62
CA PHE B 158 1.82 -2.77 17.88
C PHE B 158 2.77 -3.49 18.83
N HIS B 159 3.12 -4.72 18.47
CA HIS B 159 4.33 -5.34 18.99
C HIS B 159 5.50 -4.91 18.12
N HIS B 160 6.60 -4.47 18.75
CA HIS B 160 7.75 -3.99 18.00
C HIS B 160 8.64 -5.17 17.63
N VAL B 161 8.92 -5.32 16.34
CA VAL B 161 9.80 -6.35 15.85
C VAL B 161 11.22 -5.82 15.92
N GLU B 162 12.07 -6.47 16.71
CA GLU B 162 13.44 -6.00 16.89
C GLU B 162 14.26 -6.17 15.63
PB ADP C . 7.34 -6.07 -4.49
O1B ADP C . 6.17 -5.72 -3.58
O2B ADP C . 8.08 -7.32 -4.12
O3B ADP C . 7.00 -6.03 -5.95
PA ADP C . 8.90 -4.09 -3.03
O1A ADP C . 9.16 -5.14 -1.98
O2A ADP C . 7.97 -2.92 -2.73
O3A ADP C . 8.38 -4.83 -4.38
O5' ADP C . 10.29 -3.49 -3.58
C5' ADP C . 11.13 -4.29 -4.41
C4' ADP C . 11.47 -3.49 -5.67
O4' ADP C . 11.87 -2.17 -5.27
C3' ADP C . 12.63 -4.13 -6.42
O3' ADP C . 12.52 -3.78 -7.81
C2' ADP C . 13.79 -3.39 -5.81
O2' ADP C . 14.99 -3.45 -6.62
C1' ADP C . 13.22 -1.98 -5.70
N9 ADP C . 13.93 -1.20 -4.68
C8 ADP C . 14.09 -1.54 -3.39
N7 ADP C . 14.82 -0.59 -2.75
C5 ADP C . 15.12 0.37 -3.65
C6 ADP C . 15.87 1.63 -3.65
N6 ADP C . 16.45 2.06 -2.50
N1 ADP C . 15.95 2.29 -4.82
C2 ADP C . 15.38 1.85 -5.96
N3 ADP C . 14.69 0.69 -6.04
C4 ADP C . 14.55 -0.06 -4.93
P PO4 D . 4.01 -5.38 -7.22
O1 PO4 D . 4.53 -5.22 -5.79
O2 PO4 D . 4.94 -4.69 -8.17
O3 PO4 D . 3.85 -6.82 -7.56
O4 PO4 D . 2.62 -4.74 -7.23
MG MG E . 4.39 -4.72 -3.72
P PO4 F . 9.04 -26.38 13.60
O1 PO4 F . 9.79 -26.19 14.89
O2 PO4 F . 9.42 -27.72 13.00
O3 PO4 F . 9.40 -25.29 12.62
O4 PO4 F . 7.55 -26.36 13.87
P PO4 G . 30.11 -23.28 -14.41
O1 PO4 G . 29.47 -22.94 -13.08
O2 PO4 G . 30.95 -24.52 -14.28
O3 PO4 G . 30.98 -22.12 -14.85
O4 PO4 G . 29.03 -23.50 -15.44
C1 EDO H . -8.65 -3.34 0.72
O1 EDO H . -8.93 -4.40 -0.21
C2 EDO H . -9.15 -3.73 2.09
O2 EDO H . -10.56 -3.95 2.02
CA CA I . -19.68 9.73 3.92
CA CA J . -0.79 6.46 21.88
C1 EDO K . -21.99 21.77 7.01
O1 EDO K . -21.01 21.43 6.01
C2 EDO K . -21.73 20.99 8.30
O2 EDO K . -20.37 21.21 8.72
C1 EDO L . -21.41 19.85 12.63
O1 EDO L . -20.38 20.00 13.62
C2 EDO L . -21.82 21.22 12.09
O2 EDO L . -22.34 22.02 13.16
#